data_8C4D
#
_entry.id   8C4D
#
_cell.length_a   74.713
_cell.length_b   74.713
_cell.length_c   133.272
_cell.angle_alpha   90.000
_cell.angle_beta   90.000
_cell.angle_gamma   90.000
#
_symmetry.space_group_name_H-M   'P 43 2 2'
#
loop_
_entity.id
_entity.type
_entity.pdbx_description
1 polymer 'N-acetylmuramoyl-L-alanine amidase'
2 non-polymer 'CITRATE ANION'
3 non-polymer 'ZINC ION'
4 non-polymer 'CHLORIDE ION'
5 non-polymer 'SODIUM ION'
6 water water
#
_entity_poly.entity_id   1
_entity_poly.type   'polypeptide(L)'
_entity_poly.pdbx_seq_one_letter_code
;MVNIINNSVCRGVAGRRVGDVKGVVIHNTWTNTTAEQEMNRLAGMTDKQLEAGFAHYYCDENTIIRTEDTYNRAWHVANS
DGNNSYIGYEVRGNRETPKAVFLQAEQNAFWQAAEDLRFYGLPVNRNTVKCHHQFSATECPKRSLMEHCGYDSTLAVPAA
ITVQMQDYFISQIKKYYDNPALKPDGSTEDQNHDDKVSASTPTHQGNAYGKLDIFKEVTDKTVRVAGWLVPDKPQGAIGT
YAYVLVMEHGTPKELTRIQSQGIARPDVKKAYGYQGGDALGFDVTFDSSWMKGKKIDIILRRCNQSNGEGSVNDVRISDI
YLILHHHHHH
;
_entity_poly.pdbx_strand_id   A
#
loop_
_chem_comp.id
_chem_comp.type
_chem_comp.name
_chem_comp.formula
CL non-polymer 'CHLORIDE ION' 'Cl -1'
FLC non-polymer 'CITRATE ANION' 'C6 H5 O7 -3'
NA non-polymer 'SODIUM ION' 'Na 1'
ZN non-polymer 'ZINC ION' 'Zn 2'
#
# COMPACT_ATOMS: atom_id res chain seq x y z
N VAL A 2 16.60 6.27 0.39
CA VAL A 2 15.47 5.95 -0.49
C VAL A 2 15.08 7.18 -1.31
N ASN A 3 14.91 7.00 -2.62
CA ASN A 3 14.50 8.11 -3.48
C ASN A 3 13.01 8.37 -3.33
N ILE A 4 12.65 9.65 -3.16
CA ILE A 4 11.26 10.07 -3.07
C ILE A 4 10.90 10.77 -4.37
N ILE A 5 9.84 10.32 -5.03
CA ILE A 5 9.35 10.97 -6.25
C ILE A 5 7.87 11.27 -6.05
N ASN A 6 7.49 12.53 -6.18
CA ASN A 6 6.09 12.95 -6.17
C ASN A 6 5.70 13.25 -7.62
N ASN A 7 4.83 12.43 -8.19
CA ASN A 7 4.40 12.63 -9.57
C ASN A 7 2.99 12.06 -9.73
N SER A 8 1.98 12.94 -9.66
CA SER A 8 0.58 12.52 -9.58
C SER A 8 0.03 12.09 -10.94
N VAL A 9 0.55 10.96 -11.45
CA VAL A 9 0.13 10.47 -12.75
C VAL A 9 -1.30 9.95 -12.75
N CYS A 10 -1.93 9.79 -11.59
CA CYS A 10 -3.32 9.35 -11.54
C CYS A 10 -4.30 10.50 -11.66
N ARG A 11 -3.79 11.75 -11.70
CA ARG A 11 -4.53 12.91 -12.18
C ARG A 11 -5.73 13.25 -11.31
N GLY A 12 -5.83 12.71 -10.09
CA GLY A 12 -6.96 13.07 -9.24
C GLY A 12 -8.30 12.62 -9.75
N VAL A 13 -8.33 11.58 -10.59
CA VAL A 13 -9.56 11.23 -11.30
C VAL A 13 -10.65 10.75 -10.36
N ALA A 14 -10.28 10.23 -9.18
CA ALA A 14 -11.29 9.75 -8.25
C ALA A 14 -11.83 10.86 -7.35
N GLY A 15 -11.33 12.08 -7.46
CA GLY A 15 -11.88 13.18 -6.68
C GLY A 15 -11.30 13.25 -5.27
N ARG A 16 -11.67 14.30 -4.55
CA ARG A 16 -11.12 14.51 -3.22
C ARG A 16 -11.80 13.60 -2.20
N ARG A 17 -11.03 13.16 -1.21
CA ARG A 17 -11.63 12.45 -0.09
C ARG A 17 -12.67 13.32 0.59
N VAL A 18 -13.82 12.73 0.90
CA VAL A 18 -14.84 13.37 1.74
C VAL A 18 -14.77 12.74 3.12
N GLY A 19 -14.61 13.57 4.16
CA GLY A 19 -14.46 13.04 5.50
C GLY A 19 -13.01 12.74 5.85
N ASP A 20 -12.86 12.12 7.02
CA ASP A 20 -11.53 11.94 7.60
C ASP A 20 -10.83 10.73 7.01
N VAL A 21 -9.50 10.77 7.03
CA VAL A 21 -8.70 9.58 6.75
C VAL A 21 -8.95 8.55 7.86
N LYS A 22 -9.16 7.30 7.47
CA LYS A 22 -9.38 6.23 8.46
C LYS A 22 -8.18 5.31 8.60
N GLY A 23 -7.29 5.26 7.63
CA GLY A 23 -6.14 4.39 7.76
C GLY A 23 -5.44 4.18 6.44
N VAL A 24 -4.65 3.10 6.41
CA VAL A 24 -3.80 2.73 5.28
C VAL A 24 -4.10 1.28 4.92
N VAL A 25 -3.86 0.94 3.66
CA VAL A 25 -3.91 -0.44 3.17
C VAL A 25 -2.58 -0.76 2.54
N ILE A 26 -1.94 -1.83 2.99
CA ILE A 26 -0.66 -2.26 2.43
C ILE A 26 -0.96 -3.33 1.38
N HIS A 27 -0.70 -3.01 0.11
CA HIS A 27 -0.86 -3.92 -1.02
C HIS A 27 0.50 -4.48 -1.45
N ASN A 28 0.45 -5.56 -2.25
CA ASN A 28 1.58 -6.00 -3.06
C ASN A 28 1.16 -5.96 -4.52
N THR A 29 2.06 -5.53 -5.41
CA THR A 29 1.68 -5.41 -6.81
C THR A 29 1.47 -6.76 -7.48
N TRP A 30 2.03 -7.82 -6.92
CA TRP A 30 2.12 -9.12 -7.61
C TRP A 30 2.70 -8.94 -9.01
N THR A 31 3.67 -8.04 -9.13
CA THR A 31 4.56 -7.94 -10.29
C THR A 31 5.96 -7.77 -9.75
N ASN A 32 6.94 -7.84 -10.64
CA ASN A 32 8.33 -7.63 -10.26
C ASN A 32 8.94 -6.43 -10.98
N THR A 33 8.10 -5.47 -11.33
CA THR A 33 8.57 -4.25 -11.96
C THR A 33 9.01 -3.24 -10.91
N THR A 34 9.75 -2.24 -11.35
CA THR A 34 10.18 -1.19 -10.45
C THR A 34 9.02 -0.21 -10.21
N ALA A 35 9.17 0.58 -9.13
CA ALA A 35 8.17 1.61 -8.84
C ALA A 35 8.04 2.57 -10.02
N GLU A 36 9.18 2.94 -10.63
CA GLU A 36 9.15 3.82 -11.80
C GLU A 36 8.41 3.19 -12.95
N GLN A 37 8.58 1.88 -13.17
CA GLN A 37 7.84 1.22 -14.24
C GLN A 37 6.34 1.30 -13.96
N GLU A 38 5.94 1.14 -12.69
CA GLU A 38 4.54 1.26 -12.32
C GLU A 38 4.04 2.67 -12.60
N MET A 39 4.85 3.67 -12.25
CA MET A 39 4.50 5.06 -12.48
C MET A 39 4.31 5.33 -13.97
N ASN A 40 5.26 4.87 -14.81
CA ASN A 40 5.16 5.07 -16.26
C ASN A 40 3.93 4.39 -16.83
N ARG A 41 3.62 3.19 -16.34
CA ARG A 41 2.43 2.49 -16.80
C ARG A 41 1.17 3.31 -16.53
N LEU A 42 1.04 3.85 -15.32
CA LEU A 42 -0.12 4.69 -15.01
C LEU A 42 -0.12 5.99 -15.82
N ALA A 43 1.06 6.58 -16.01
CA ALA A 43 1.17 7.82 -16.79
C ALA A 43 0.70 7.63 -18.23
N GLY A 44 0.82 6.42 -18.77
CA GLY A 44 0.43 6.14 -20.13
C GLY A 44 -1.01 5.72 -20.32
N MET A 45 -1.75 5.58 -19.23
CA MET A 45 -3.16 5.22 -19.28
C MET A 45 -4.04 6.44 -19.51
N THR A 46 -5.16 6.20 -20.20
CA THR A 46 -6.23 7.18 -20.23
C THR A 46 -6.93 7.23 -18.88
N ASP A 47 -7.67 8.32 -18.64
CA ASP A 47 -8.44 8.40 -17.41
C ASP A 47 -9.46 7.28 -17.33
N LYS A 48 -10.01 6.84 -18.46
CA LYS A 48 -10.86 5.64 -18.46
C LYS A 48 -10.09 4.40 -18.02
N GLN A 49 -8.85 4.22 -18.51
CA GLN A 49 -8.08 3.04 -18.12
C GLN A 49 -7.75 3.07 -16.64
N LEU A 50 -7.59 4.26 -16.04
CA LEU A 50 -7.34 4.34 -14.61
C LEU A 50 -8.48 3.78 -13.78
N GLU A 51 -9.68 3.65 -14.37
CA GLU A 51 -10.82 3.04 -13.69
C GLU A 51 -10.54 1.60 -13.26
N ALA A 52 -9.58 0.93 -13.88
CA ALA A 52 -9.24 -0.42 -13.45
C ALA A 52 -8.52 -0.44 -12.10
N GLY A 53 -8.02 0.69 -11.62
CA GLY A 53 -7.45 0.71 -10.29
C GLY A 53 -6.07 1.34 -10.21
N PHE A 54 -5.77 1.93 -9.06
CA PHE A 54 -4.46 2.51 -8.79
C PHE A 54 -4.41 2.83 -7.32
N ALA A 55 -3.19 3.02 -6.81
CA ALA A 55 -2.94 3.35 -5.42
C ALA A 55 -2.28 4.73 -5.31
N HIS A 56 -2.09 5.18 -4.06
CA HIS A 56 -1.47 6.48 -3.82
C HIS A 56 0.05 6.41 -3.92
N TYR A 57 0.66 5.30 -3.53
CA TYR A 57 2.12 5.17 -3.59
C TYR A 57 2.50 3.85 -4.21
N TYR A 58 3.62 3.86 -4.93
CA TYR A 58 4.26 2.64 -5.42
C TYR A 58 5.69 2.63 -4.89
N CYS A 59 6.05 1.53 -4.24
CA CYS A 59 7.33 1.41 -3.52
C CYS A 59 8.09 0.20 -4.04
N ASP A 60 9.37 0.39 -4.30
CA ASP A 60 10.26 -0.74 -4.51
C ASP A 60 11.42 -0.62 -3.50
N GLU A 61 12.49 -1.39 -3.72
CA GLU A 61 13.54 -1.45 -2.71
C GLU A 61 14.30 -0.13 -2.60
N ASN A 62 14.21 0.74 -3.62
CA ASN A 62 15.00 1.95 -3.73
C ASN A 62 14.16 3.22 -3.75
N THR A 63 12.84 3.13 -3.91
CA THR A 63 12.05 4.28 -4.34
C THR A 63 10.68 4.23 -3.71
N ILE A 64 10.15 5.40 -3.36
CA ILE A 64 8.75 5.60 -3.00
C ILE A 64 8.21 6.64 -3.96
N ILE A 65 7.20 6.28 -4.74
CA ILE A 65 6.60 7.18 -5.71
C ILE A 65 5.18 7.48 -5.29
N ARG A 66 4.87 8.75 -5.03
CA ARG A 66 3.49 9.14 -4.74
C ARG A 66 2.82 9.43 -6.08
N THR A 67 1.99 8.50 -6.54
CA THR A 67 1.28 8.62 -7.81
C THR A 67 -0.07 9.31 -7.66
N GLU A 68 -0.56 9.47 -6.45
CA GLU A 68 -1.77 10.26 -6.19
C GLU A 68 -1.62 10.98 -4.88
N ASP A 69 -1.97 12.27 -4.88
CA ASP A 69 -1.95 13.06 -3.65
C ASP A 69 -2.87 12.44 -2.62
N THR A 70 -2.44 12.42 -1.35
CA THR A 70 -3.21 11.70 -0.32
C THR A 70 -4.50 12.41 0.05
N TYR A 71 -4.71 13.66 -0.36
CA TYR A 71 -6.03 14.27 -0.16
C TYR A 71 -7.09 13.77 -1.15
N ASN A 72 -6.68 13.06 -2.19
CA ASN A 72 -7.59 12.46 -3.14
C ASN A 72 -7.88 11.02 -2.80
N ARG A 73 -9.05 10.55 -3.24
CA ARG A 73 -9.35 9.13 -3.22
CA ARG A 73 -9.37 9.13 -3.23
C ARG A 73 -8.46 8.38 -4.21
N ALA A 74 -8.42 7.07 -4.05
CA ALA A 74 -7.76 6.22 -5.03
C ALA A 74 -8.61 4.98 -5.22
N TRP A 75 -8.60 4.42 -6.43
CA TRP A 75 -9.41 3.24 -6.70
C TRP A 75 -8.55 2.02 -6.45
N HIS A 76 -8.34 1.71 -5.16
CA HIS A 76 -7.39 0.66 -4.80
C HIS A 76 -7.98 -0.57 -4.13
N VAL A 77 -9.22 -0.55 -3.64
CA VAL A 77 -9.73 -1.75 -2.97
C VAL A 77 -11.13 -2.19 -3.40
N ALA A 78 -11.69 -1.59 -4.46
CA ALA A 78 -12.98 -2.04 -5.00
C ALA A 78 -14.08 -2.01 -3.94
N ASN A 79 -14.13 -0.90 -3.20
CA ASN A 79 -15.05 -0.73 -2.08
C ASN A 79 -15.09 0.77 -1.85
N SER A 80 -16.29 1.34 -1.75
CA SER A 80 -16.41 2.80 -1.76
C SER A 80 -15.79 3.43 -0.52
N ASP A 81 -16.05 2.87 0.66
CA ASP A 81 -15.48 3.47 1.86
C ASP A 81 -13.98 3.24 1.92
N GLY A 82 -13.51 2.07 1.46
CA GLY A 82 -12.08 1.84 1.38
C GLY A 82 -11.39 2.82 0.45
N ASN A 83 -11.97 3.04 -0.73
CA ASN A 83 -11.36 3.94 -1.70
C ASN A 83 -11.40 5.38 -1.21
N ASN A 84 -12.43 5.76 -0.47
CA ASN A 84 -12.54 7.12 0.02
C ASN A 84 -11.65 7.38 1.23
N SER A 85 -11.62 6.44 2.17
CA SER A 85 -11.13 6.76 3.51
C SER A 85 -9.74 6.21 3.84
N TYR A 86 -9.18 5.31 3.02
CA TYR A 86 -7.91 4.65 3.32
C TYR A 86 -6.89 4.96 2.24
N ILE A 87 -5.66 5.22 2.64
CA ILE A 87 -4.58 5.50 1.70
C ILE A 87 -3.93 4.17 1.31
N GLY A 88 -3.64 4.01 0.02
CA GLY A 88 -3.13 2.74 -0.51
C GLY A 88 -1.65 2.80 -0.86
N TYR A 89 -0.91 1.77 -0.42
CA TYR A 89 0.53 1.65 -0.62
C TYR A 89 0.81 0.35 -1.35
N GLU A 90 1.45 0.43 -2.52
CA GLU A 90 1.72 -0.73 -3.34
C GLU A 90 3.19 -1.11 -3.18
N VAL A 91 3.45 -2.34 -2.77
CA VAL A 91 4.81 -2.83 -2.59
C VAL A 91 5.15 -3.73 -3.76
N ARG A 92 6.26 -3.43 -4.42
CA ARG A 92 6.80 -4.34 -5.43
C ARG A 92 6.93 -5.74 -4.86
N GLY A 93 6.33 -6.70 -5.51
CA GLY A 93 6.45 -8.06 -5.01
C GLY A 93 5.60 -9.09 -5.69
N ASN A 94 6.26 -10.03 -6.35
CA ASN A 94 5.72 -11.20 -7.01
CA ASN A 94 5.57 -11.22 -6.83
C ASN A 94 6.41 -12.42 -6.42
N ARG A 95 6.17 -13.58 -7.04
CA ARG A 95 6.86 -14.79 -6.64
C ARG A 95 8.33 -14.75 -7.01
N GLU A 96 8.69 -13.95 -8.02
CA GLU A 96 10.06 -13.92 -8.51
C GLU A 96 10.92 -12.91 -7.77
N THR A 97 10.30 -11.95 -7.08
CA THR A 97 11.08 -10.90 -6.43
C THR A 97 12.01 -11.52 -5.40
N PRO A 98 13.30 -11.18 -5.41
CA PRO A 98 14.20 -11.69 -4.38
C PRO A 98 13.75 -11.26 -2.99
N LYS A 99 13.96 -12.15 -2.01
CA LYS A 99 13.54 -11.91 -0.64
C LYS A 99 13.97 -10.54 -0.12
N ALA A 100 15.26 -10.23 -0.25
CA ALA A 100 15.76 -9.00 0.37
C ALA A 100 15.22 -7.77 -0.33
N VAL A 101 14.96 -7.86 -1.63
CA VAL A 101 14.35 -6.75 -2.36
C VAL A 101 12.92 -6.53 -1.90
N PHE A 102 12.13 -7.62 -1.79
CA PHE A 102 10.77 -7.48 -1.32
C PHE A 102 10.70 -6.90 0.08
N LEU A 103 11.59 -7.36 0.96
CA LEU A 103 11.55 -6.93 2.36
C LEU A 103 11.94 -5.47 2.50
N GLN A 104 12.94 -5.01 1.74
CA GLN A 104 13.26 -3.59 1.70
C GLN A 104 12.08 -2.77 1.16
N ALA A 105 11.48 -3.21 0.05
CA ALA A 105 10.35 -2.46 -0.50
C ALA A 105 9.24 -2.32 0.53
N GLU A 106 8.97 -3.40 1.26
CA GLU A 106 7.98 -3.40 2.32
C GLU A 106 8.30 -2.35 3.38
N GLN A 107 9.56 -2.31 3.83
CA GLN A 107 9.96 -1.36 4.86
C GLN A 107 9.77 0.08 4.38
N ASN A 108 10.11 0.35 3.12
CA ASN A 108 9.87 1.68 2.55
C ASN A 108 8.40 2.06 2.64
N ALA A 109 7.51 1.14 2.25
CA ALA A 109 6.08 1.41 2.37
C ALA A 109 5.67 1.63 3.82
N PHE A 110 6.17 0.80 4.75
CA PHE A 110 5.83 0.99 6.15
C PHE A 110 6.26 2.36 6.65
N TRP A 111 7.45 2.81 6.25
CA TRP A 111 7.92 4.11 6.67
C TRP A 111 7.00 5.22 6.15
N GLN A 112 6.63 5.15 4.87
CA GLN A 112 5.74 6.16 4.30
C GLN A 112 4.37 6.13 4.95
N ALA A 113 3.85 4.91 5.19
CA ALA A 113 2.56 4.81 5.87
C ALA A 113 2.63 5.43 7.27
N ALA A 114 3.71 5.20 7.99
CA ALA A 114 3.86 5.83 9.30
C ALA A 114 3.88 7.35 9.19
N GLU A 115 4.60 7.88 8.19
CA GLU A 115 4.60 9.33 7.99
C GLU A 115 3.20 9.86 7.83
N ASP A 116 2.38 9.17 7.04
CA ASP A 116 1.04 9.67 6.73
C ASP A 116 0.10 9.50 7.92
N LEU A 117 0.14 8.34 8.58
CA LEU A 117 -0.64 8.17 9.82
C LEU A 117 -0.29 9.24 10.85
N ARG A 118 1.00 9.50 11.05
CA ARG A 118 1.40 10.56 11.99
C ARG A 118 0.88 11.90 11.53
N PHE A 119 0.99 12.20 10.23
CA PHE A 119 0.53 13.49 9.73
C PHE A 119 -0.96 13.69 9.98
N TYR A 120 -1.77 12.68 9.68
CA TYR A 120 -3.20 12.78 9.90
C TYR A 120 -3.59 12.57 11.35
N GLY A 121 -2.64 12.25 12.23
CA GLY A 121 -2.93 12.10 13.65
C GLY A 121 -3.66 10.83 13.99
N LEU A 122 -3.38 9.74 13.28
CA LEU A 122 -4.09 8.50 13.55
C LEU A 122 -3.22 7.56 14.35
N PRO A 123 -3.83 6.68 15.16
CA PRO A 123 -3.06 5.63 15.83
C PRO A 123 -2.66 4.55 14.82
N VAL A 124 -1.79 3.64 15.26
CA VAL A 124 -1.36 2.50 14.44
C VAL A 124 -1.93 1.24 15.08
N ASN A 125 -3.03 0.72 14.54
CA ASN A 125 -3.67 -0.45 15.13
C ASN A 125 -4.54 -1.11 14.07
N ARG A 126 -5.35 -2.08 14.50
CA ARG A 126 -6.14 -2.88 13.57
C ARG A 126 -7.25 -2.07 12.91
N ASN A 127 -7.64 -0.92 13.49
CA ASN A 127 -8.59 -0.05 12.83
C ASN A 127 -7.96 0.71 11.67
N THR A 128 -6.66 1.04 11.76
CA THR A 128 -6.03 1.96 10.83
C THR A 128 -5.06 1.30 9.88
N VAL A 129 -4.79 0.00 10.05
CA VAL A 129 -3.86 -0.73 9.19
C VAL A 129 -4.63 -1.95 8.68
N LYS A 130 -4.90 -1.99 7.37
CA LYS A 130 -5.77 -3.01 6.83
C LYS A 130 -5.16 -3.67 5.61
N CYS A 131 -5.72 -4.82 5.26
CA CYS A 131 -5.40 -5.58 4.05
C CYS A 131 -6.50 -5.41 3.00
N HIS A 132 -6.09 -5.45 1.74
CA HIS A 132 -7.02 -5.33 0.62
C HIS A 132 -8.16 -6.34 0.74
N HIS A 133 -7.86 -7.58 1.14
CA HIS A 133 -8.89 -8.61 1.21
C HIS A 133 -9.89 -8.40 2.35
N GLN A 134 -9.66 -7.42 3.22
CA GLN A 134 -10.71 -7.05 4.18
C GLN A 134 -11.78 -6.18 3.56
N PHE A 135 -11.56 -5.69 2.34
CA PHE A 135 -12.51 -4.83 1.66
C PHE A 135 -13.22 -5.53 0.52
N SER A 136 -12.54 -6.43 -0.18
CA SER A 136 -13.09 -7.13 -1.34
C SER A 136 -12.26 -8.39 -1.57
N ALA A 137 -12.80 -9.29 -2.39
CA ALA A 137 -12.19 -10.61 -2.59
C ALA A 137 -10.87 -10.47 -3.35
N THR A 138 -9.79 -10.91 -2.73
CA THR A 138 -8.48 -10.92 -3.37
C THR A 138 -7.55 -11.75 -2.50
N GLU A 139 -6.43 -12.16 -3.10
CA GLU A 139 -5.32 -12.77 -2.40
C GLU A 139 -4.33 -11.75 -1.84
N CYS A 140 -4.48 -10.47 -2.18
CA CYS A 140 -3.55 -9.42 -1.76
C CYS A 140 -3.63 -9.23 -0.25
N PRO A 141 -2.49 -8.94 0.44
CA PRO A 141 -1.11 -8.77 -0.06
C PRO A 141 -0.37 -10.12 -0.09
N LYS A 142 -0.27 -10.72 -1.27
CA LYS A 142 0.04 -12.14 -1.33
C LYS A 142 1.48 -12.44 -0.93
N ARG A 143 2.44 -11.64 -1.39
CA ARG A 143 3.82 -11.92 -1.00
C ARG A 143 4.07 -11.61 0.47
N SER A 144 3.44 -10.56 1.03
CA SER A 144 3.56 -10.32 2.46
C SER A 144 2.96 -11.49 3.24
N LEU A 145 1.84 -12.03 2.75
CA LEU A 145 1.21 -13.15 3.41
C LEU A 145 2.11 -14.38 3.37
N MET A 146 2.77 -14.65 2.24
CA MET A 146 3.70 -15.77 2.22
C MET A 146 4.90 -15.54 3.14
N GLU A 147 5.44 -14.32 3.14
CA GLU A 147 6.69 -14.13 3.88
C GLU A 147 6.48 -14.05 5.38
N HIS A 148 5.39 -13.44 5.83
CA HIS A 148 5.23 -13.14 7.24
C HIS A 148 4.20 -14.00 7.94
N CYS A 149 3.27 -14.60 7.19
CA CYS A 149 2.29 -15.50 7.77
C CYS A 149 2.40 -16.93 7.25
N GLY A 150 3.32 -17.20 6.33
CA GLY A 150 3.43 -18.55 5.80
C GLY A 150 2.20 -19.02 5.06
N TYR A 151 1.44 -18.11 4.46
CA TYR A 151 0.18 -18.42 3.81
C TYR A 151 0.37 -18.20 2.31
N ASP A 152 0.46 -19.29 1.56
CA ASP A 152 0.62 -19.26 0.11
C ASP A 152 -0.53 -20.06 -0.50
N SER A 153 -1.66 -19.40 -0.73
CA SER A 153 -2.86 -20.14 -1.05
C SER A 153 -3.80 -19.26 -1.87
N THR A 154 -4.71 -19.91 -2.61
CA THR A 154 -5.81 -19.24 -3.29
C THR A 154 -7.10 -19.29 -2.50
N LEU A 155 -7.15 -19.97 -1.35
CA LEU A 155 -8.33 -19.88 -0.50
C LEU A 155 -8.44 -18.50 0.11
N ALA A 156 -9.68 -18.05 0.30
CA ALA A 156 -9.94 -16.81 1.01
C ALA A 156 -9.21 -16.78 2.34
N VAL A 157 -8.46 -15.71 2.57
CA VAL A 157 -7.61 -15.59 3.75
C VAL A 157 -8.45 -15.79 5.01
N PRO A 158 -8.10 -16.76 5.86
CA PRO A 158 -8.85 -16.93 7.11
C PRO A 158 -8.67 -15.75 8.04
N ALA A 159 -9.67 -15.54 8.88
CA ALA A 159 -9.68 -14.39 9.77
C ALA A 159 -8.43 -14.35 10.65
N ALA A 160 -8.01 -15.49 11.21
CA ALA A 160 -6.86 -15.47 12.11
C ALA A 160 -5.57 -15.11 11.38
N ILE A 161 -5.48 -15.43 10.09
CA ILE A 161 -4.30 -15.04 9.32
C ILE A 161 -4.33 -13.55 8.99
N THR A 162 -5.52 -13.02 8.69
CA THR A 162 -5.68 -11.59 8.47
C THR A 162 -5.22 -10.80 9.69
N VAL A 163 -5.68 -11.20 10.87
CA VAL A 163 -5.27 -10.52 12.10
C VAL A 163 -3.75 -10.60 12.25
N GLN A 164 -3.18 -11.78 11.98
CA GLN A 164 -1.72 -11.90 12.08
C GLN A 164 -1.01 -11.00 11.07
N MET A 165 -1.55 -10.90 9.86
CA MET A 165 -0.86 -10.04 8.90
C MET A 165 -0.97 -8.58 9.29
N GLN A 166 -2.14 -8.16 9.78
CA GLN A 166 -2.31 -6.82 10.32
C GLN A 166 -1.31 -6.54 11.43
N ASP A 167 -1.19 -7.47 12.39
CA ASP A 167 -0.32 -7.24 13.52
C ASP A 167 1.13 -7.09 13.08
N TYR A 168 1.55 -7.86 12.07
CA TYR A 168 2.90 -7.68 11.55
C TYR A 168 3.08 -6.28 10.96
N PHE A 169 2.15 -5.89 10.05
CA PHE A 169 2.17 -4.55 9.48
C PHE A 169 2.18 -3.49 10.57
N ILE A 170 1.34 -3.65 11.58
CA ILE A 170 1.26 -2.70 12.67
C ILE A 170 2.61 -2.58 13.39
N SER A 171 3.27 -3.70 13.65
CA SER A 171 4.56 -3.64 14.36
C SER A 171 5.59 -2.87 13.56
N GLN A 172 5.61 -3.06 12.25
CA GLN A 172 6.58 -2.36 11.41
C GLN A 172 6.23 -0.89 11.27
N ILE A 173 4.95 -0.57 11.07
CA ILE A 173 4.58 0.83 10.89
C ILE A 173 4.80 1.62 12.17
N LYS A 174 4.44 1.01 13.31
CA LYS A 174 4.55 1.68 14.59
C LYS A 174 6.00 2.00 14.92
N LYS A 175 6.91 1.11 14.54
CA LYS A 175 8.33 1.35 14.75
C LYS A 175 8.77 2.65 14.06
N TYR A 176 8.25 2.94 12.86
CA TYR A 176 8.58 4.20 12.21
C TYR A 176 7.76 5.35 12.77
N TYR A 177 6.48 5.09 13.02
CA TYR A 177 5.59 6.10 13.58
C TYR A 177 6.15 6.70 14.87
N ASP A 178 6.62 5.84 15.79
CA ASP A 178 7.07 6.27 17.11
C ASP A 178 8.48 6.85 17.08
N ASN A 179 9.23 6.63 15.99
CA ASN A 179 10.63 7.01 15.87
C ASN A 179 10.75 7.84 14.60
N PRO A 180 10.36 9.11 14.64
CA PRO A 180 10.19 9.87 13.39
C PRO A 180 11.49 10.09 12.62
N ALA A 181 12.65 9.97 13.24
CA ALA A 181 13.88 10.19 12.51
C ALA A 181 14.44 8.91 11.89
N LEU A 182 13.86 7.77 12.23
CA LEU A 182 14.36 6.50 11.73
C LEU A 182 14.08 6.40 10.24
N LYS A 183 15.06 5.89 9.48
CA LYS A 183 14.86 5.75 8.04
C LYS A 183 14.69 4.28 7.65
N PRO A 184 14.01 3.97 6.53
CA PRO A 184 13.72 2.57 6.22
C PRO A 184 14.93 1.77 5.75
N ASP A 185 16.01 2.44 5.35
CA ASP A 185 17.21 1.75 4.88
C ASP A 185 18.31 1.75 5.95
CAC FLC B . 2.10 14.19 2.72
CA FLC B . 1.46 15.34 3.44
CB FLC B . 2.07 16.74 3.19
CBC FLC B . 2.57 16.87 1.74
CG FLC B . 0.96 17.78 3.45
CGC FLC B . 1.33 19.22 3.21
OA1 FLC B . 3.25 13.83 2.92
OA2 FLC B . 1.30 13.59 1.86
OB1 FLC B . 3.81 16.47 1.60
OB2 FLC B . 1.87 17.29 0.84
OG1 FLC B . 1.30 19.95 4.30
OG2 FLC B . 1.60 19.67 2.10
OHB FLC B . 3.16 16.96 4.07
ZN ZN C . -4.18 -4.99 -3.20
CL CL D . -3.18 -4.87 -5.79
CL CL E . -14.89 -9.18 2.18
CL CL F . 15.65 -15.02 -2.77
CL CL G . -13.71 2.56 -10.19
NA NA H . -5.47 0.79 -13.88
NA NA I . -2.42 -1.24 -8.73
NA NA J . -0.47 -3.81 -10.17
#